data_5UK5
#
_entry.id   5UK5
#
_cell.length_a   68.457
_cell.length_b   127.995
_cell.length_c   154.288
_cell.angle_alpha   90.00
_cell.angle_beta   90.00
_cell.angle_gamma   90.00
#
_symmetry.space_group_name_H-M   'I 21 21 21'
#
loop_
_entity.id
_entity.type
_entity.pdbx_description
1 polymer 'Neurogenic locus notch homolog protein 1'
2 polymer 'Protein jagged-1'
3 branched alpha-D-xylopyranose-(1-3)-beta-D-glucopyranose
4 non-polymer 'CALCIUM ION'
5 non-polymer alpha-L-fucopyranose
6 non-polymer beta-D-glucopyranose
7 non-polymer 2-acetamido-2-deoxy-beta-D-glucopyranose
8 non-polymer '2-(N-MORPHOLINO)-ETHANESULFONIC ACID'
9 water water
#
loop_
_entity_poly.entity_id
_entity_poly.type
_entity_poly.pdbx_seq_one_letter_code
_entity_poly.pdbx_strand_id
1 'polypeptide(L)'
;DPDVDECQLMPNACQNGGTCHNSHGGYNCVCVNGWTGEDCSENIDDCASAACFQGATCHDRVASFYCECPHGRTGLLCHL
NDACISNPCNEGSNCDTNPVNGKAICTCPSGYTGPACSQDVDECALGANPCEHAGKCLNTLGSFECQCLQGYTGPRCEID
VNECISNPCQNDATCLDQIGEFQCICMPGYEGVYCESGRLEVLFQ
;
A
2 'polypeptide(L)'
;ADPRLGQFELEILSMQNVNGELQNGNCCGGARNPGDRKCTGDECNTYF(MLY)VCL(MLY)EYQSRVRAGGPCSFGSGST
PVIGGNTFNLKASRGNDRNRIVLPFSFAWPRSYTLLVEAWDSSNDTIQPDSIIE(MLY)ASHSGMINPSRQWQTL(MLY)
QNTGIAHFEYRIRVTCDDHYYGFGCN(MLY)FCRPRDDFFGHYACDQNGN(MLY)TCMEGWMGPECNKAICRQGCSP
(MLY)HGSCKLPGDCRCQYGWQGLYCD(MLY)CIPHPGCVHGTCNEPWQCLCETNWGGQLCD(MLY)DLNYCGTHQPCLN
RGTCSNTGPDKYQCSCPEGYSGPNCEAAAHHHHHHHH
;
B
#
# COMPACT_ATOMS: atom_id res chain seq x y z
N GLU A 6 -41.59 -29.89 -52.01
CA GLU A 6 -40.94 -30.51 -50.87
C GLU A 6 -41.40 -29.90 -49.53
N CYS A 7 -40.66 -30.19 -48.46
CA CYS A 7 -40.83 -29.44 -47.21
C CYS A 7 -40.27 -28.02 -47.33
N GLN A 8 -39.63 -27.70 -48.45
CA GLN A 8 -39.04 -26.37 -48.64
C GLN A 8 -40.11 -25.29 -48.75
N LEU A 9 -41.31 -25.63 -49.23
CA LEU A 9 -42.36 -24.63 -49.39
C LEU A 9 -42.73 -24.01 -48.04
N MET A 10 -42.86 -24.83 -47.00
CA MET A 10 -43.07 -24.32 -45.65
C MET A 10 -41.72 -23.94 -45.05
N PRO A 11 -41.50 -22.66 -44.71
CA PRO A 11 -40.20 -22.28 -44.12
C PRO A 11 -39.86 -23.05 -42.86
N ASN A 12 -40.84 -23.30 -42.00
CA ASN A 12 -40.64 -24.02 -40.74
C ASN A 12 -41.70 -25.10 -40.58
N ALA A 13 -41.28 -26.36 -40.65
CA ALA A 13 -42.09 -27.50 -40.29
C ALA A 13 -41.23 -28.46 -39.47
N CYS A 14 -41.85 -29.14 -38.52
CA CYS A 14 -41.12 -29.89 -37.48
C CYS A 14 -40.14 -28.94 -36.80
N GLN A 15 -40.61 -28.22 -35.78
CA GLN A 15 -39.94 -26.99 -35.37
C GLN A 15 -38.67 -27.25 -34.56
N ASN A 16 -38.74 -28.13 -33.57
CA ASN A 16 -37.68 -28.25 -32.57
C ASN A 16 -36.94 -29.57 -32.76
N GLY A 17 -35.80 -29.52 -33.43
CA GLY A 17 -35.01 -30.71 -33.69
C GLY A 17 -35.83 -31.77 -34.41
N GLY A 18 -36.81 -31.32 -35.18
CA GLY A 18 -37.69 -32.24 -35.90
C GLY A 18 -37.30 -32.30 -37.36
N THR A 19 -37.14 -33.52 -37.85
CA THR A 19 -36.75 -33.76 -39.23
C THR A 19 -37.99 -34.01 -40.07
N CYS A 20 -38.18 -33.19 -41.10
CA CYS A 20 -39.33 -33.34 -41.98
C CYS A 20 -39.23 -34.64 -42.76
N HIS A 21 -40.37 -35.33 -42.90
CA HIS A 21 -40.52 -36.45 -43.83
C HIS A 21 -41.60 -36.07 -44.82
N ASN A 22 -41.26 -36.08 -46.10
CA ASN A 22 -42.19 -35.67 -47.14
C ASN A 22 -42.81 -36.91 -47.79
N SER A 23 -43.70 -37.54 -47.05
CA SER A 23 -44.44 -38.69 -47.55
C SER A 23 -45.54 -38.24 -48.49
N HIS A 24 -45.91 -39.13 -49.42
CA HIS A 24 -46.90 -38.79 -50.44
C HIS A 24 -48.26 -38.48 -49.80
N GLY A 25 -48.59 -39.19 -48.73
CA GLY A 25 -49.86 -38.93 -48.05
C GLY A 25 -49.86 -37.63 -47.26
N GLY A 26 -48.75 -37.36 -46.57
CA GLY A 26 -48.65 -36.13 -45.79
C GLY A 26 -47.27 -36.00 -45.19
N TYR A 27 -46.97 -34.79 -44.74
CA TYR A 27 -45.69 -34.52 -44.11
C TYR A 27 -45.60 -35.20 -42.75
N ASN A 28 -44.41 -35.69 -42.42
CA ASN A 28 -44.18 -36.44 -41.19
C ASN A 28 -42.98 -35.86 -40.46
N CYS A 29 -43.01 -35.92 -39.12
CA CYS A 29 -41.97 -35.36 -38.27
C CYS A 29 -41.45 -36.41 -37.30
N VAL A 30 -40.15 -36.66 -37.34
CA VAL A 30 -39.46 -37.40 -36.29
C VAL A 30 -38.75 -36.37 -35.41
N CYS A 31 -38.86 -36.54 -34.10
CA CYS A 31 -38.53 -35.45 -33.19
C CYS A 31 -37.55 -35.89 -32.10
N VAL A 32 -36.77 -34.93 -31.63
CA VAL A 32 -35.87 -35.18 -30.50
C VAL A 32 -36.71 -35.41 -29.25
N ASN A 33 -36.20 -36.25 -28.36
CA ASN A 33 -36.94 -36.58 -27.15
C ASN A 33 -37.18 -35.32 -26.34
N GLY A 34 -38.28 -35.31 -25.60
CA GLY A 34 -38.70 -34.16 -24.84
C GLY A 34 -39.81 -33.36 -25.50
N TRP A 35 -40.00 -33.52 -26.80
CA TRP A 35 -41.05 -32.86 -27.56
C TRP A 35 -42.07 -33.87 -28.07
N THR A 36 -43.27 -33.37 -28.35
CA THR A 36 -44.38 -34.19 -28.81
C THR A 36 -45.38 -33.31 -29.56
N GLY A 37 -46.17 -33.96 -30.39
CA GLY A 37 -47.08 -33.28 -31.30
C GLY A 37 -46.66 -33.49 -32.75
N GLU A 38 -47.52 -32.99 -33.66
CA GLU A 38 -47.23 -33.14 -35.08
C GLU A 38 -45.95 -32.39 -35.45
N ASP A 39 -45.87 -31.11 -35.12
CA ASP A 39 -44.65 -30.34 -35.27
C ASP A 39 -43.74 -30.48 -34.05
N CYS A 40 -44.19 -31.16 -33.00
CA CYS A 40 -43.45 -31.28 -31.73
C CYS A 40 -43.22 -29.90 -31.13
N SER A 41 -44.30 -29.15 -30.97
CA SER A 41 -44.25 -27.79 -30.44
C SER A 41 -44.61 -27.71 -28.97
N GLU A 42 -45.13 -28.77 -28.37
CA GLU A 42 -45.55 -28.74 -26.97
C GLU A 42 -44.53 -29.45 -26.10
N ASN A 43 -44.05 -28.74 -25.08
CA ASN A 43 -43.06 -29.28 -24.16
C ASN A 43 -43.72 -30.31 -23.26
N ILE A 44 -43.20 -31.54 -23.28
CA ILE A 44 -43.65 -32.54 -22.32
C ILE A 44 -43.41 -32.01 -20.91
N ASP A 45 -44.43 -32.12 -20.05
CA ASP A 45 -44.29 -31.68 -18.67
C ASP A 45 -43.46 -32.71 -17.92
N ASP A 46 -42.20 -32.38 -17.65
CA ASP A 46 -41.35 -33.20 -16.79
C ASP A 46 -41.60 -32.92 -15.31
N CYS A 47 -42.37 -31.88 -14.97
CA CYS A 47 -42.66 -31.56 -13.58
C CYS A 47 -43.76 -32.44 -13.00
N ALA A 48 -44.68 -32.94 -13.84
CA ALA A 48 -45.68 -33.89 -13.36
C ALA A 48 -45.03 -35.15 -12.83
N SER A 49 -43.82 -35.48 -13.29
CA SER A 49 -43.07 -36.63 -12.81
C SER A 49 -41.75 -36.22 -12.17
N ALA A 50 -41.53 -34.94 -11.91
CA ALA A 50 -40.25 -34.47 -11.43
C ALA A 50 -40.04 -34.87 -9.97
N ALA A 51 -38.77 -34.84 -9.56
CA ALA A 51 -38.39 -35.11 -8.19
C ALA A 51 -38.35 -33.85 -7.33
N CYS A 52 -38.69 -32.68 -7.89
CA CYS A 52 -38.87 -31.50 -7.04
C CYS A 52 -39.94 -31.80 -6.02
N PHE A 53 -39.61 -31.63 -4.74
CA PHE A 53 -40.53 -32.02 -3.69
C PHE A 53 -40.41 -31.07 -2.52
N GLN A 54 -41.41 -31.13 -1.64
CA GLN A 54 -41.42 -30.41 -0.39
C GLN A 54 -41.32 -28.90 -0.61
N GLY A 55 -42.34 -28.37 -1.29
CA GLY A 55 -42.47 -26.93 -1.47
C GLY A 55 -41.72 -26.33 -2.64
N ALA A 56 -40.96 -27.13 -3.37
CA ALA A 56 -40.28 -26.62 -4.56
C ALA A 56 -41.30 -26.21 -5.62
N THR A 57 -41.06 -25.05 -6.24
CA THR A 57 -41.78 -24.65 -7.43
C THR A 57 -41.05 -25.24 -8.63
N CYS A 58 -41.73 -26.10 -9.38
CA CYS A 58 -41.10 -26.81 -10.48
C CYS A 58 -41.37 -26.06 -11.78
N HIS A 59 -40.33 -25.94 -12.61
CA HIS A 59 -40.43 -25.32 -13.92
C HIS A 59 -39.96 -26.30 -14.98
N ASP A 60 -40.77 -26.46 -16.03
CA ASP A 60 -40.45 -27.44 -17.06
C ASP A 60 -39.31 -26.94 -17.94
N ARG A 61 -38.34 -27.82 -18.19
CA ARG A 61 -37.32 -27.59 -19.20
C ARG A 61 -37.44 -28.66 -20.27
N VAL A 62 -36.65 -28.52 -21.33
CA VAL A 62 -36.66 -29.53 -22.38
C VAL A 62 -36.02 -30.81 -21.82
N ALA A 63 -36.85 -31.81 -21.58
CA ALA A 63 -36.41 -33.08 -20.97
C ALA A 63 -35.62 -32.84 -19.70
N SER A 64 -36.07 -31.85 -18.91
CA SER A 64 -35.45 -31.49 -17.64
C SER A 64 -36.43 -30.64 -16.86
N PHE A 65 -36.00 -30.20 -15.68
CA PHE A 65 -36.82 -29.38 -14.81
C PHE A 65 -35.93 -28.64 -13.83
N TYR A 66 -36.40 -27.49 -13.39
CA TYR A 66 -35.71 -26.65 -12.42
C TYR A 66 -36.49 -26.63 -11.12
N CYS A 67 -35.82 -27.00 -10.02
CA CYS A 67 -36.45 -26.95 -8.71
C CYS A 67 -36.17 -25.58 -8.09
N GLU A 68 -37.19 -24.72 -8.09
CA GLU A 68 -37.10 -23.47 -7.36
C GLU A 68 -37.06 -23.77 -5.87
N CYS A 69 -36.10 -23.18 -5.18
CA CYS A 69 -35.91 -23.65 -3.82
C CYS A 69 -36.49 -22.67 -2.80
N PRO A 70 -37.06 -23.18 -1.71
CA PRO A 70 -37.33 -22.33 -0.55
C PRO A 70 -36.01 -21.87 0.07
N HIS A 71 -36.13 -20.89 0.97
CA HIS A 71 -34.93 -20.25 1.51
C HIS A 71 -34.10 -21.22 2.34
N GLY A 72 -34.73 -22.13 3.07
CA GLY A 72 -34.01 -23.06 3.91
C GLY A 72 -33.53 -24.32 3.23
N ARG A 73 -33.45 -24.32 1.89
CA ARG A 73 -33.06 -25.49 1.13
C ARG A 73 -32.33 -25.06 -0.13
N THR A 74 -31.56 -26.00 -0.71
CA THR A 74 -30.82 -25.77 -1.93
C THR A 74 -30.56 -27.13 -2.57
N GLY A 75 -30.12 -27.11 -3.82
CA GLY A 75 -29.72 -28.31 -4.53
C GLY A 75 -30.50 -28.49 -5.83
N LEU A 76 -30.06 -29.50 -6.57
CA LEU A 76 -30.74 -29.84 -7.83
C LEU A 76 -32.22 -30.06 -7.60
N LEU A 77 -32.56 -30.81 -6.55
CA LEU A 77 -33.94 -31.10 -6.19
C LEU A 77 -34.43 -30.25 -5.03
N CYS A 78 -33.61 -29.28 -4.58
CA CYS A 78 -33.81 -28.62 -3.29
C CYS A 78 -34.08 -29.68 -2.23
N HIS A 79 -33.34 -30.78 -2.29
CA HIS A 79 -33.52 -31.91 -1.41
C HIS A 79 -32.72 -31.79 -0.12
N LEU A 80 -31.93 -30.73 0.03
CA LEU A 80 -31.10 -30.56 1.21
C LEU A 80 -31.19 -29.11 1.67
N ASN A 81 -31.02 -28.92 2.97
CA ASN A 81 -31.06 -27.58 3.55
C ASN A 81 -29.70 -26.91 3.41
N ASP A 82 -29.71 -25.60 3.18
CA ASP A 82 -28.48 -24.84 3.11
C ASP A 82 -28.09 -24.39 4.50
N ALA A 83 -26.82 -24.61 4.85
CA ALA A 83 -26.37 -24.25 6.20
C ALA A 83 -26.30 -22.74 6.39
N CYS A 84 -26.29 -21.96 5.31
CA CYS A 84 -26.23 -20.50 5.41
C CYS A 84 -27.48 -19.89 6.03
N ILE A 85 -28.58 -20.65 6.13
CA ILE A 85 -29.78 -20.11 6.76
C ILE A 85 -29.58 -19.96 8.27
N SER A 86 -28.73 -20.78 8.88
CA SER A 86 -28.46 -20.71 10.31
C SER A 86 -27.36 -19.72 10.67
N ASN A 87 -26.87 -18.97 9.69
CA ASN A 87 -25.82 -17.98 9.87
C ASN A 87 -24.60 -18.53 10.60
N PRO A 88 -23.90 -19.52 10.04
CA PRO A 88 -22.67 -19.98 10.69
C PRO A 88 -21.53 -19.00 10.56
N CYS A 89 -21.53 -18.16 9.53
CA CYS A 89 -20.46 -17.22 9.32
C CYS A 89 -20.71 -15.94 10.09
N ASN A 90 -19.63 -15.30 10.50
CA ASN A 90 -19.70 -14.07 11.27
C ASN A 90 -20.15 -12.91 10.39
N GLU A 91 -20.47 -11.80 11.03
CA GLU A 91 -20.76 -10.57 10.32
C GLU A 91 -19.56 -10.16 9.48
N GLY A 92 -19.84 -9.53 8.33
CA GLY A 92 -18.81 -9.19 7.38
C GLY A 92 -18.38 -10.33 6.48
N SER A 93 -18.80 -11.55 6.77
CA SER A 93 -18.47 -12.72 5.95
C SER A 93 -19.65 -13.06 5.07
N ASN A 94 -19.39 -13.25 3.79
CA ASN A 94 -20.41 -13.69 2.86
C ASN A 94 -20.59 -15.20 3.00
N CYS A 95 -21.83 -15.64 3.16
CA CYS A 95 -22.14 -17.06 3.30
C CYS A 95 -22.63 -17.57 1.95
N ASP A 96 -21.96 -18.60 1.44
CA ASP A 96 -22.38 -19.27 0.23
C ASP A 96 -22.62 -20.74 0.53
N THR A 97 -23.45 -21.37 -0.30
CA THR A 97 -23.89 -22.74 -0.09
C THR A 97 -23.31 -23.65 -1.16
N ASN A 98 -22.82 -24.80 -0.75
CA ASN A 98 -22.38 -25.83 -1.69
C ASN A 98 -23.59 -26.44 -2.38
N PRO A 99 -23.58 -26.58 -3.71
CA PRO A 99 -24.75 -27.20 -4.37
C PRO A 99 -24.91 -28.67 -4.06
N VAL A 100 -23.83 -29.38 -3.75
CA VAL A 100 -23.90 -30.83 -3.58
C VAL A 100 -24.38 -31.19 -2.17
N ASN A 101 -23.79 -30.60 -1.15
CA ASN A 101 -24.09 -30.99 0.23
C ASN A 101 -24.79 -29.92 1.05
N GLY A 102 -24.83 -28.68 0.60
CA GLY A 102 -25.49 -27.62 1.35
C GLY A 102 -24.70 -27.03 2.49
N LYS A 103 -23.48 -27.50 2.72
CA LYS A 103 -22.65 -26.94 3.79
C LYS A 103 -22.28 -25.48 3.47
N ALA A 104 -22.27 -24.65 4.50
CA ALA A 104 -22.02 -23.23 4.32
C ALA A 104 -20.54 -22.97 4.05
N ILE A 105 -20.25 -22.09 3.11
CA ILE A 105 -18.89 -21.70 2.76
C ILE A 105 -18.74 -20.21 3.08
N CYS A 106 -17.84 -19.90 4.03
CA CYS A 106 -17.65 -18.54 4.50
C CYS A 106 -16.44 -17.91 3.82
N THR A 107 -16.60 -16.67 3.38
CA THR A 107 -15.50 -15.90 2.82
C THR A 107 -15.22 -14.77 3.78
N CYS A 108 -14.08 -14.81 4.44
CA CYS A 108 -13.80 -13.91 5.54
C CYS A 108 -13.49 -12.51 5.04
N PRO A 109 -13.90 -11.48 5.77
CA PRO A 109 -13.37 -10.13 5.50
C PRO A 109 -11.94 -10.03 6.00
N SER A 110 -11.32 -8.88 5.68
CA SER A 110 -9.98 -8.62 6.16
C SER A 110 -9.99 -8.55 7.68
N GLY A 111 -9.03 -9.22 8.30
CA GLY A 111 -8.93 -9.26 9.74
C GLY A 111 -9.48 -10.51 10.38
N TYR A 112 -10.21 -11.34 9.63
CA TYR A 112 -10.79 -12.56 10.19
C TYR A 112 -10.44 -13.75 9.32
N THR A 113 -10.49 -14.93 9.94
CA THR A 113 -10.07 -16.17 9.31
C THR A 113 -10.81 -17.33 9.96
N GLY A 114 -10.55 -18.53 9.45
CA GLY A 114 -11.18 -19.71 9.97
C GLY A 114 -12.36 -20.14 9.15
N PRO A 115 -12.83 -21.38 9.35
CA PRO A 115 -13.99 -21.86 8.59
C PRO A 115 -15.22 -21.00 8.79
N ALA A 116 -15.48 -20.54 10.01
CA ALA A 116 -16.61 -19.67 10.26
C ALA A 116 -16.24 -18.19 10.15
N CYS A 117 -15.00 -17.88 9.80
CA CYS A 117 -14.51 -16.50 9.74
C CYS A 117 -14.71 -15.77 11.07
N SER A 118 -14.75 -16.52 12.17
CA SER A 118 -14.99 -15.96 13.48
C SER A 118 -13.71 -15.87 14.30
N GLN A 119 -12.57 -15.81 13.64
CA GLN A 119 -11.28 -15.77 14.32
C GLN A 119 -10.49 -14.56 13.88
N ASP A 120 -9.98 -13.81 14.85
CA ASP A 120 -9.15 -12.65 14.55
C ASP A 120 -7.85 -13.10 13.88
N VAL A 121 -7.38 -12.30 12.94
CA VAL A 121 -6.03 -12.45 12.43
C VAL A 121 -5.11 -11.62 13.31
N ASP A 122 -4.00 -12.22 13.73
CA ASP A 122 -3.00 -11.51 14.52
C ASP A 122 -2.07 -10.80 13.55
N GLU A 123 -2.41 -9.55 13.22
CA GLU A 123 -1.56 -8.77 12.33
C GLU A 123 -0.19 -8.49 12.95
N CYS A 124 -0.07 -8.59 14.27
CA CYS A 124 1.22 -8.43 14.92
C CYS A 124 2.06 -9.70 14.87
N ALA A 125 1.53 -10.78 14.32
CA ALA A 125 2.24 -12.04 14.26
C ALA A 125 2.47 -12.46 12.81
N LEU A 126 2.81 -11.49 11.96
CA LEU A 126 3.05 -11.74 10.55
C LEU A 126 4.50 -11.49 10.15
N GLY A 127 5.38 -11.14 11.07
CA GLY A 127 6.78 -10.93 10.79
C GLY A 127 7.21 -9.50 10.50
N ALA A 128 6.37 -8.51 10.80
CA ALA A 128 6.71 -7.11 10.54
C ALA A 128 6.04 -6.24 11.58
N ASN A 129 6.72 -5.16 11.98
CA ASN A 129 6.12 -4.23 12.91
C ASN A 129 5.61 -3.01 12.14
N PRO A 130 4.30 -2.78 12.11
CA PRO A 130 3.79 -1.62 11.36
C PRO A 130 4.09 -0.29 12.03
N CYS A 131 4.42 -0.30 13.32
CA CYS A 131 4.56 0.94 14.08
C CYS A 131 5.97 1.50 13.95
N GLU A 132 6.07 2.75 13.54
CA GLU A 132 7.37 3.41 13.45
C GLU A 132 7.87 3.80 14.84
N HIS A 133 9.16 4.17 14.90
CA HIS A 133 9.79 4.71 16.11
C HIS A 133 9.63 3.76 17.29
N ALA A 134 9.94 2.49 17.04
CA ALA A 134 9.96 1.46 18.07
C ALA A 134 8.60 1.30 18.75
N GLY A 135 7.53 1.64 18.03
CA GLY A 135 6.20 1.41 18.57
C GLY A 135 5.90 -0.06 18.75
N LYS A 136 4.92 -0.34 19.59
CA LYS A 136 4.52 -1.71 19.90
C LYS A 136 3.22 -2.05 19.16
N CYS A 137 3.28 -3.05 18.29
CA CYS A 137 2.07 -3.54 17.63
C CYS A 137 1.16 -4.16 18.68
N LEU A 138 -0.09 -3.68 18.74
CA LEU A 138 -1.10 -4.23 19.63
C LEU A 138 -2.19 -4.88 18.79
N ASN A 139 -2.51 -6.13 19.10
CA ASN A 139 -3.49 -6.87 18.33
C ASN A 139 -4.89 -6.55 18.80
N THR A 140 -5.78 -6.30 17.84
CA THR A 140 -7.19 -5.99 18.08
C THR A 140 -8.06 -7.02 17.39
N LEU A 141 -9.20 -7.33 18.02
CA LEU A 141 -10.16 -8.27 17.47
C LEU A 141 -10.50 -7.90 16.03
N GLY A 142 -9.96 -8.68 15.08
CA GLY A 142 -10.13 -8.39 13.67
C GLY A 142 -9.34 -7.18 13.19
N SER A 143 -8.28 -6.81 13.90
CA SER A 143 -7.54 -5.62 13.53
C SER A 143 -6.24 -5.58 14.32
N PHE A 144 -5.57 -4.43 14.27
CA PHE A 144 -4.36 -4.17 15.03
C PHE A 144 -4.28 -2.68 15.36
N GLU A 145 -3.46 -2.34 16.35
CA GLU A 145 -3.22 -0.96 16.74
C GLU A 145 -1.74 -0.76 17.05
N CYS A 146 -1.33 0.50 17.07
CA CYS A 146 0.04 0.87 17.41
C CYS A 146 0.07 1.58 18.76
N GLN A 147 0.80 0.99 19.71
CA GLN A 147 1.09 1.65 20.98
C GLN A 147 2.29 2.56 20.75
N CYS A 148 2.03 3.85 20.51
CA CYS A 148 3.12 4.76 20.21
C CYS A 148 3.87 5.15 21.48
N LEU A 149 5.09 5.67 21.27
CA LEU A 149 5.84 6.27 22.36
C LEU A 149 5.39 7.71 22.56
N GLN A 150 5.77 8.27 23.71
CA GLN A 150 5.41 9.64 24.01
C GLN A 150 6.11 10.57 23.04
N GLY A 151 5.33 11.44 22.41
CA GLY A 151 5.82 12.34 21.39
C GLY A 151 5.51 11.90 19.98
N TYR A 152 5.10 10.65 19.80
CA TYR A 152 4.72 10.15 18.49
C TYR A 152 3.27 9.72 18.54
N THR A 153 2.51 10.14 17.53
CA THR A 153 1.13 9.71 17.40
C THR A 153 0.86 9.48 15.92
N GLY A 154 -0.42 9.29 15.61
CA GLY A 154 -0.82 8.82 14.31
C GLY A 154 -0.97 7.32 14.36
N PRO A 155 -1.65 6.76 13.36
CA PRO A 155 -1.89 5.30 13.40
C PRO A 155 -0.62 4.48 13.39
N ARG A 156 0.47 4.98 12.83
CA ARG A 156 1.72 4.23 12.77
C ARG A 156 2.84 4.91 13.54
N CYS A 157 2.51 5.88 14.40
CA CYS A 157 3.50 6.62 15.18
C CYS A 157 4.44 7.41 14.27
N GLU A 158 3.91 7.93 13.17
CA GLU A 158 4.74 8.64 12.19
C GLU A 158 4.75 10.15 12.41
N ILE A 159 3.84 10.68 13.21
CA ILE A 159 3.75 12.12 13.42
C ILE A 159 4.44 12.44 14.75
N ASP A 160 5.41 13.34 14.69
CA ASP A 160 5.99 13.89 15.90
C ASP A 160 5.02 14.89 16.51
N VAL A 161 4.56 14.61 17.74
CA VAL A 161 3.71 15.55 18.44
C VAL A 161 4.45 16.88 18.56
N ASN A 162 3.73 17.98 18.33
CA ASN A 162 4.30 19.32 18.48
C ASN A 162 3.93 19.86 19.85
N GLU A 163 4.72 19.44 20.86
CA GLU A 163 4.44 19.82 22.25
C GLU A 163 4.47 21.33 22.46
N CYS A 164 5.07 22.09 21.55
CA CYS A 164 5.02 23.55 21.60
C CYS A 164 3.69 24.11 21.13
N ILE A 165 2.73 23.26 20.78
CA ILE A 165 1.44 23.77 20.31
C ILE A 165 0.69 24.50 21.42
N SER A 166 0.86 24.10 22.67
CA SER A 166 0.20 24.72 23.81
C SER A 166 0.94 25.94 24.34
N ASN A 167 1.97 26.40 23.63
CA ASN A 167 2.75 27.57 24.00
C ASN A 167 3.13 27.54 25.49
N PRO A 168 3.90 26.55 25.91
CA PRO A 168 4.19 26.43 27.34
C PRO A 168 5.24 27.43 27.81
N CYS A 169 6.06 27.93 26.89
CA CYS A 169 7.10 28.88 27.24
C CYS A 169 6.49 30.28 27.37
N GLN A 170 7.05 31.05 28.28
CA GLN A 170 6.46 32.33 28.63
C GLN A 170 7.45 33.45 28.35
N ASN A 171 6.91 34.68 28.36
CA ASN A 171 7.72 35.89 28.23
C ASN A 171 8.51 35.91 26.92
N ASP A 172 7.84 35.56 25.83
CA ASP A 172 8.41 35.59 24.48
C ASP A 172 9.62 34.68 24.34
N ALA A 173 9.63 33.58 25.08
CA ALA A 173 10.69 32.59 24.93
C ALA A 173 10.44 31.72 23.70
N THR A 174 11.52 31.32 23.06
CA THR A 174 11.41 30.39 21.96
C THR A 174 11.21 28.97 22.47
N CYS A 175 10.16 28.32 21.99
CA CYS A 175 9.88 26.93 22.35
C CYS A 175 10.49 25.99 21.32
N LEU A 176 11.14 24.95 21.79
CA LEU A 176 11.76 23.94 20.94
C LEU A 176 10.94 22.66 21.01
N ASP A 177 10.42 22.24 19.85
CA ASP A 177 9.65 21.00 19.73
C ASP A 177 10.63 19.82 19.74
N GLN A 178 10.61 19.06 20.82
CA GLN A 178 11.48 17.90 20.99
C GLN A 178 10.66 16.64 21.17
N ILE A 179 11.35 15.50 21.22
CA ILE A 179 10.69 14.20 21.28
C ILE A 179 10.07 13.98 22.65
N GLY A 180 8.75 14.13 22.74
CA GLY A 180 8.05 13.87 23.99
C GLY A 180 8.16 14.95 25.03
N GLU A 181 8.75 16.10 24.70
CA GLU A 181 8.86 17.23 25.61
C GLU A 181 9.27 18.46 24.81
N PHE A 182 9.27 19.60 25.49
CA PHE A 182 9.66 20.87 24.91
C PHE A 182 10.81 21.48 25.72
N GLN A 183 11.39 22.55 25.17
CA GLN A 183 12.47 23.26 25.83
C GLN A 183 12.27 24.75 25.57
N CYS A 184 12.33 25.54 26.64
CA CYS A 184 12.17 26.98 26.56
C CYS A 184 13.53 27.63 26.53
N ILE A 185 13.66 28.66 25.71
CA ILE A 185 14.87 29.45 25.63
C ILE A 185 14.47 30.89 25.96
N CYS A 186 14.85 31.35 27.14
CA CYS A 186 14.31 32.60 27.67
C CYS A 186 14.90 33.83 27.00
N MET A 187 14.07 34.88 26.91
CA MET A 187 14.56 36.20 26.57
C MET A 187 15.54 36.69 27.64
N PRO A 188 16.36 37.69 27.31
CA PRO A 188 17.26 38.27 28.32
C PRO A 188 16.45 38.78 29.51
N GLY A 189 16.91 38.44 30.70
CA GLY A 189 16.24 38.88 31.91
C GLY A 189 15.16 37.95 32.41
N TYR A 190 15.14 36.69 31.95
CA TYR A 190 14.14 35.73 32.38
C TYR A 190 14.80 34.37 32.57
N GLU A 191 14.15 33.53 33.37
CA GLU A 191 14.68 32.24 33.76
C GLU A 191 13.53 31.34 34.15
N GLY A 192 13.84 30.06 34.33
CA GLY A 192 12.85 29.06 34.66
C GLY A 192 12.57 28.13 33.49
N VAL A 193 12.06 26.94 33.83
CA VAL A 193 11.79 25.92 32.83
C VAL A 193 10.80 26.45 31.79
N TYR A 194 9.87 27.28 32.21
CA TYR A 194 8.92 27.91 31.31
C TYR A 194 9.23 29.39 31.09
N CYS A 195 10.43 29.83 31.48
CA CYS A 195 10.80 31.24 31.40
C CYS A 195 9.76 32.11 32.09
N GLU A 196 9.31 31.65 33.26
CA GLU A 196 8.19 32.26 33.95
C GLU A 196 8.61 33.25 35.02
N SER A 197 9.84 33.13 35.54
CA SER A 197 10.35 34.00 36.59
C SER A 197 11.19 35.12 35.97
N GLY A 198 10.86 36.36 36.33
CA GLY A 198 11.58 37.49 35.81
C GLY A 198 12.87 37.78 36.56
N ARG A 199 13.75 38.49 35.88
CA ARG A 199 15.04 38.93 36.43
C ARG A 199 15.86 37.75 36.95
N ALA B 1 21.52 6.03 22.97
CA ALA B 1 20.85 7.31 22.80
C ALA B 1 21.19 7.97 21.46
N ASP B 2 21.64 9.22 21.54
CA ASP B 2 21.98 10.05 20.39
C ASP B 2 20.89 10.08 19.30
N PRO B 3 19.67 10.47 19.64
CA PRO B 3 18.69 10.76 18.60
C PRO B 3 19.02 12.09 17.94
N ARG B 4 18.58 12.22 16.69
CA ARG B 4 18.83 13.46 15.96
C ARG B 4 17.93 13.49 14.74
N LEU B 5 17.39 14.66 14.46
CA LEU B 5 16.64 14.89 13.22
C LEU B 5 17.52 15.41 12.10
N GLY B 6 18.65 16.03 12.44
CA GLY B 6 19.51 16.63 11.44
C GLY B 6 20.69 17.30 12.10
N GLN B 7 21.43 18.07 11.30
CA GLN B 7 22.62 18.71 11.80
C GLN B 7 22.84 20.03 11.08
N PHE B 8 23.35 21.02 11.82
CA PHE B 8 23.82 22.27 11.24
C PHE B 8 25.28 22.09 10.91
N GLU B 9 25.67 22.46 9.69
CA GLU B 9 26.98 22.15 9.17
C GLU B 9 27.67 23.45 8.80
N LEU B 10 28.93 23.58 9.20
CA LEU B 10 29.71 24.76 8.91
C LEU B 10 31.12 24.35 8.52
N GLU B 11 31.65 24.97 7.47
CA GLU B 11 33.01 24.71 7.05
C GLU B 11 33.73 26.04 6.80
N ILE B 12 34.94 26.16 7.36
CA ILE B 12 35.77 27.35 7.14
C ILE B 12 36.42 27.23 5.76
N LEU B 13 36.12 28.18 4.89
CA LEU B 13 36.61 28.17 3.51
C LEU B 13 37.97 28.84 3.37
N SER B 14 38.09 30.09 3.81
CA SER B 14 39.34 30.82 3.66
C SER B 14 39.49 31.85 4.77
N MET B 15 40.73 32.25 5.01
CA MET B 15 41.09 33.29 5.97
C MET B 15 42.21 34.13 5.37
N GLN B 16 42.11 35.46 5.49
CA GLN B 16 43.12 36.35 4.93
C GLN B 16 43.59 37.35 5.98
N ASN B 17 44.91 37.39 6.20
CA ASN B 17 45.49 38.25 7.22
C ASN B 17 46.93 38.54 6.80
N VAL B 18 47.11 39.53 5.93
CA VAL B 18 48.46 39.86 5.49
C VAL B 18 49.28 40.39 6.66
N ASN B 19 48.65 41.17 7.54
CA ASN B 19 49.39 41.76 8.64
C ASN B 19 49.71 40.74 9.71
N GLY B 20 48.76 39.88 10.04
CA GLY B 20 48.98 38.88 11.07
C GLY B 20 48.79 39.44 12.46
N GLU B 21 47.69 40.16 12.67
CA GLU B 21 47.46 40.85 13.92
C GLU B 21 46.13 40.42 14.53
N LEU B 22 46.11 40.37 15.87
CA LEU B 22 44.90 40.15 16.62
C LEU B 22 43.97 41.36 16.45
N GLN B 23 42.72 41.17 16.83
CA GLN B 23 41.83 42.32 16.79
C GLN B 23 42.21 43.40 17.79
N ASN B 24 43.21 43.13 18.66
CA ASN B 24 43.82 44.18 19.47
C ASN B 24 44.63 45.15 18.64
N GLY B 25 44.98 44.78 17.40
CA GLY B 25 45.93 45.51 16.62
C GLY B 25 47.36 45.07 16.83
N ASN B 26 47.61 44.20 17.81
CA ASN B 26 48.96 43.72 18.07
C ASN B 26 49.26 42.53 17.18
N CYS B 27 50.54 42.32 16.89
CA CYS B 27 50.96 41.21 16.04
C CYS B 27 50.71 39.88 16.74
N CYS B 28 50.44 38.86 15.95
CA CYS B 28 50.45 37.49 16.46
C CYS B 28 51.91 37.12 16.75
N GLY B 29 52.31 37.24 18.01
CA GLY B 29 53.67 36.90 18.42
C GLY B 29 54.77 37.53 17.61
N GLY B 30 54.57 38.76 17.15
CA GLY B 30 55.54 39.40 16.29
C GLY B 30 55.85 40.80 16.77
N ALA B 31 56.97 41.31 16.28
CA ALA B 31 57.41 42.66 16.60
C ALA B 31 57.05 43.59 15.44
N ARG B 32 56.87 44.87 15.77
CA ARG B 32 56.51 45.87 14.78
C ARG B 32 57.73 46.31 13.99
N ASN B 33 57.55 46.47 12.69
CA ASN B 33 58.58 47.09 11.88
C ASN B 33 58.75 48.55 12.32
N PRO B 34 59.99 49.04 12.41
CA PRO B 34 60.17 50.46 12.77
C PRO B 34 59.55 51.40 11.76
N GLY B 35 59.63 51.07 10.48
CA GLY B 35 58.98 51.83 9.42
C GLY B 35 57.85 51.00 8.81
N ASP B 36 56.78 51.69 8.43
CA ASP B 36 55.58 51.13 7.80
C ASP B 36 54.78 50.21 8.72
N ARG B 37 55.20 50.03 9.98
CA ARG B 37 54.42 49.33 11.00
C ARG B 37 54.08 47.90 10.60
N LYS B 38 55.00 47.23 9.90
CA LYS B 38 54.76 45.86 9.48
C LYS B 38 54.96 44.91 10.66
N CYS B 39 54.19 43.82 10.67
CA CYS B 39 54.39 42.76 11.64
C CYS B 39 55.47 41.82 11.12
N THR B 40 56.54 41.65 11.90
CA THR B 40 57.59 40.70 11.59
C THR B 40 57.61 39.62 12.65
N GLY B 41 57.64 38.36 12.22
CA GLY B 41 57.67 37.25 13.13
C GLY B 41 56.80 36.12 12.62
N ASP B 42 56.54 35.17 13.49
CA ASP B 42 55.73 34.01 13.12
C ASP B 42 54.28 34.42 12.89
N GLU B 43 53.61 33.71 11.99
CA GLU B 43 52.23 34.00 11.65
C GLU B 43 51.30 33.58 12.79
N CYS B 44 50.05 34.04 12.71
CA CYS B 44 49.03 33.55 13.63
C CYS B 44 48.85 32.04 13.46
N ASN B 45 48.44 31.39 14.54
CA ASN B 45 48.03 29.99 14.51
C ASN B 45 46.51 29.98 14.56
N THR B 46 45.90 30.03 13.39
CA THR B 46 44.47 30.32 13.27
C THR B 46 43.66 29.04 13.46
N TYR B 47 42.78 29.07 14.45
CA TYR B 47 41.72 28.07 14.59
C TYR B 47 40.41 28.82 14.80
N PHE B 48 39.31 28.07 14.72
CA PHE B 48 38.00 28.70 14.80
C PHE B 48 37.14 28.13 15.90
N VAL B 50 33.00 28.08 17.05
CA VAL B 50 31.69 28.32 16.49
C VAL B 50 30.67 28.19 17.60
N CYS B 51 29.64 29.04 17.56
CA CYS B 51 28.58 29.04 18.56
C CYS B 51 27.25 29.26 17.87
N LEU B 52 26.35 28.29 17.96
CA LEU B 52 25.05 28.38 17.30
C LEU B 52 23.98 28.42 18.35
N GLU B 54 19.72 30.21 19.49
CA GLU B 54 18.41 30.64 19.06
C GLU B 54 18.51 32.00 18.41
N TYR B 55 17.70 32.24 17.39
CA TYR B 55 17.75 33.51 16.71
C TYR B 55 17.38 34.63 17.66
N GLN B 56 18.16 35.69 17.64
CA GLN B 56 17.86 36.80 18.49
C GLN B 56 17.86 38.11 17.73
N SER B 57 16.84 38.91 17.97
CA SER B 57 16.72 40.22 17.33
C SER B 57 17.89 41.09 17.75
N ARG B 58 18.21 41.04 19.03
CA ARG B 58 19.33 41.78 19.56
C ARG B 58 20.38 40.75 19.93
N VAL B 59 21.52 40.79 19.27
CA VAL B 59 22.61 39.86 19.57
C VAL B 59 23.13 40.13 20.97
N ARG B 60 23.23 39.08 21.78
CA ARG B 60 23.66 39.22 23.16
C ARG B 60 25.16 39.03 23.27
N ALA B 61 25.75 39.72 24.25
CA ALA B 61 27.15 39.52 24.59
C ALA B 61 27.38 38.27 25.41
N GLY B 62 26.35 37.80 26.12
CA GLY B 62 26.44 36.58 26.88
C GLY B 62 25.35 35.58 26.56
N GLY B 63 25.31 34.49 27.31
CA GLY B 63 24.30 33.47 27.08
C GLY B 63 24.91 32.22 26.48
N PRO B 64 24.22 31.10 26.61
CA PRO B 64 24.76 29.83 26.12
C PRO B 64 24.53 29.65 24.63
N CYS B 65 25.41 28.85 24.02
CA CYS B 65 25.21 28.40 22.65
C CYS B 65 24.15 27.31 22.68
N SER B 66 22.88 27.74 22.65
CA SER B 66 21.77 26.82 22.94
C SER B 66 21.65 25.71 21.91
N PHE B 67 22.04 25.94 20.66
CA PHE B 67 21.95 24.91 19.63
C PHE B 67 23.26 24.14 19.48
N GLY B 68 24.24 24.40 20.31
CA GLY B 68 25.49 23.67 20.29
C GLY B 68 26.65 24.54 19.90
N SER B 69 27.85 24.01 20.13
CA SER B 69 29.07 24.73 19.82
C SER B 69 30.14 23.72 19.45
N GLY B 70 31.13 24.20 18.70
CA GLY B 70 32.32 23.40 18.45
C GLY B 70 33.42 24.26 17.86
N SER B 71 34.56 23.62 17.64
CA SER B 71 35.73 24.37 17.23
C SER B 71 36.65 23.48 16.42
N THR B 72 37.44 24.11 15.58
CA THR B 72 38.45 23.45 14.77
C THR B 72 39.78 23.46 15.52
N PRO B 73 40.70 22.60 15.12
CA PRO B 73 42.08 22.76 15.53
C PRO B 73 42.71 23.84 14.65
N VAL B 74 44.00 24.09 14.86
CA VAL B 74 44.69 25.07 14.01
C VAL B 74 44.68 24.54 12.58
N ILE B 75 44.10 25.31 11.67
CA ILE B 75 43.97 24.90 10.27
C ILE B 75 44.80 25.76 9.31
N GLY B 76 45.39 26.86 9.77
CA GLY B 76 46.22 27.64 8.88
C GLY B 76 47.00 28.71 9.59
N GLY B 77 47.83 29.39 8.81
CA GLY B 77 48.60 30.51 9.32
C GLY B 77 47.80 31.81 9.29
N ASN B 78 48.40 32.85 8.75
CA ASN B 78 47.67 34.12 8.66
C ASN B 78 46.66 34.07 7.51
N THR B 79 47.07 33.54 6.37
CA THR B 79 46.25 33.53 5.17
C THR B 79 46.27 32.14 4.55
N PHE B 80 45.09 31.61 4.27
CA PHE B 80 44.99 30.27 3.69
C PHE B 80 43.61 30.10 3.06
N ASN B 81 43.56 29.33 1.99
CA ASN B 81 42.33 29.04 1.27
C ASN B 81 42.11 27.54 1.24
N LEU B 82 40.97 27.09 1.75
CA LEU B 82 40.64 25.67 1.82
C LEU B 82 39.49 25.30 0.91
N LYS B 83 39.07 26.21 0.02
CA LYS B 83 37.89 25.95 -0.82
C LYS B 83 38.11 24.76 -1.73
N ALA B 84 39.36 24.48 -2.07
CA ALA B 84 39.71 23.37 -2.95
C ALA B 84 40.14 22.11 -2.20
N SER B 85 40.28 22.19 -0.88
CA SER B 85 40.63 21.02 -0.08
C SER B 85 39.47 20.03 -0.11
N ARG B 86 39.77 18.81 -0.56
CA ARG B 86 38.77 17.76 -0.64
C ARG B 86 39.19 16.65 0.30
N GLY B 87 38.24 16.15 1.08
CA GLY B 87 38.50 15.06 1.99
C GLY B 87 39.07 15.45 3.33
N ASN B 88 39.22 16.73 3.62
CA ASN B 88 39.68 17.18 4.91
C ASN B 88 38.50 17.74 5.70
N ASP B 89 38.28 17.20 6.91
CA ASP B 89 37.18 17.66 7.74
C ASP B 89 37.64 18.44 8.97
N ARG B 90 38.93 18.80 9.05
CA ARG B 90 39.41 19.61 10.17
C ARG B 90 38.74 20.97 10.18
N ASN B 91 38.46 21.54 9.01
CA ASN B 91 37.77 22.80 8.86
C ASN B 91 36.27 22.68 8.93
N ARG B 92 35.75 21.56 9.42
CA ARG B 92 34.32 21.28 9.38
C ARG B 92 33.79 21.12 10.80
N ILE B 93 32.63 21.71 11.07
CA ILE B 93 31.98 21.64 12.37
C ILE B 93 30.54 21.21 12.13
N VAL B 94 30.09 20.21 12.89
CA VAL B 94 28.76 19.64 12.74
C VAL B 94 28.03 19.71 14.07
N LEU B 95 26.91 20.42 14.08
CA LEU B 95 26.10 20.58 15.28
C LEU B 95 24.77 19.84 15.14
N PRO B 96 24.59 18.70 15.78
CA PRO B 96 23.33 17.97 15.62
C PRO B 96 22.26 18.53 16.53
N PHE B 97 21.01 18.45 16.07
CA PHE B 97 19.89 18.93 16.85
C PHE B 97 18.81 17.87 16.91
N SER B 98 18.19 17.73 18.09
CA SER B 98 17.13 16.76 18.30
C SER B 98 15.77 17.44 18.48
N PHE B 99 15.64 18.68 18.06
CA PHE B 99 14.37 19.40 18.03
C PHE B 99 14.01 19.74 16.59
N ALA B 100 12.75 20.05 16.35
CA ALA B 100 12.35 20.53 15.03
C ALA B 100 13.08 21.83 14.72
N TRP B 101 13.77 21.86 13.58
CA TRP B 101 14.60 23.00 13.19
C TRP B 101 13.76 24.28 13.23
N PRO B 102 14.16 25.30 14.01
CA PRO B 102 13.28 26.48 14.10
C PRO B 102 13.32 27.31 12.83
N ARG B 103 14.37 27.14 12.03
CA ARG B 103 14.62 27.89 10.79
C ARG B 103 15.17 29.27 11.06
N SER B 104 14.92 29.85 12.22
CA SER B 104 15.60 31.08 12.62
C SER B 104 16.78 30.71 13.52
N TYR B 105 17.93 31.35 13.32
CA TYR B 105 19.11 31.04 14.12
C TYR B 105 19.98 32.27 14.26
N THR B 106 20.88 32.21 15.24
CA THR B 106 21.92 33.21 15.42
C THR B 106 23.24 32.47 15.52
N LEU B 107 24.24 32.93 14.78
CA LEU B 107 25.49 32.17 14.65
C LEU B 107 26.67 33.07 14.93
N LEU B 108 27.67 32.54 15.63
CA LEU B 108 28.90 33.26 15.95
C LEU B 108 30.09 32.46 15.47
N VAL B 109 30.93 33.07 14.63
CA VAL B 109 32.17 32.46 14.20
C VAL B 109 33.33 33.35 14.61
N GLU B 110 34.37 32.74 15.19
CA GLU B 110 35.51 33.47 15.73
C GLU B 110 36.80 32.82 15.30
N ALA B 111 37.75 33.62 14.82
CA ALA B 111 39.10 33.16 14.56
C ALA B 111 40.00 33.56 15.74
N TRP B 112 40.84 32.62 16.18
CA TRP B 112 41.67 32.76 17.36
C TRP B 112 43.11 32.37 17.04
N ASP B 113 44.04 33.07 17.69
CA ASP B 113 45.46 32.74 17.55
C ASP B 113 45.84 31.80 18.70
N SER B 114 46.37 30.63 18.34
CA SER B 114 46.75 29.65 19.35
C SER B 114 48.01 30.11 20.08
N SER B 115 47.94 30.14 21.41
CA SER B 115 49.02 30.66 22.21
C SER B 115 50.31 29.90 21.94
N ASN B 116 51.43 30.62 22.07
CA ASN B 116 52.75 30.04 21.84
C ASN B 116 53.32 29.32 23.05
N ASP B 117 52.88 29.64 24.26
CA ASP B 117 53.37 28.97 25.47
C ASP B 117 52.20 28.35 26.24
N THR B 118 52.56 27.69 27.35
CA THR B 118 51.56 27.13 28.25
C THR B 118 50.91 28.19 29.13
N ILE B 119 51.65 29.26 29.43
CA ILE B 119 51.21 30.24 30.42
C ILE B 119 50.20 31.22 29.84
N GLN B 120 50.35 31.59 28.56
CA GLN B 120 49.46 32.62 28.05
C GLN B 120 48.20 32.01 27.45
N PRO B 121 47.08 32.71 27.57
CA PRO B 121 45.86 32.27 26.89
C PRO B 121 45.91 32.66 25.42
N ASP B 122 44.90 32.19 24.69
CA ASP B 122 44.76 32.59 23.30
C ASP B 122 44.19 34.00 23.23
N SER B 123 44.29 34.59 22.04
CA SER B 123 43.72 35.90 21.79
C SER B 123 43.02 35.87 20.43
N ILE B 124 41.89 36.56 20.36
CA ILE B 124 40.98 36.49 19.22
C ILE B 124 41.55 37.29 18.05
N ILE B 125 41.40 36.75 16.85
CA ILE B 125 41.85 37.42 15.63
C ILE B 125 40.72 38.22 15.01
N GLU B 126 39.59 37.59 14.79
CA GLU B 126 38.40 38.27 14.29
C GLU B 126 37.16 37.52 14.76
N ALA B 128 32.88 37.09 14.23
CA ALA B 128 31.76 37.34 13.33
C ALA B 128 30.46 36.92 13.98
N SER B 129 29.39 37.63 13.64
CA SER B 129 28.06 37.36 14.16
C SER B 129 27.08 37.48 13.00
N HIS B 130 26.27 36.46 12.81
CA HIS B 130 25.29 36.48 11.74
C HIS B 130 24.00 35.85 12.21
N SER B 131 22.90 36.58 12.06
CA SER B 131 21.56 36.09 12.34
C SER B 131 20.80 35.96 11.04
N GLY B 132 20.07 34.87 10.88
CA GLY B 132 19.26 34.72 9.69
C GLY B 132 18.31 33.56 9.80
N MET B 133 17.75 33.20 8.65
CA MET B 133 16.93 32.00 8.52
C MET B 133 17.53 31.05 7.49
N ILE B 134 17.43 29.75 7.72
CA ILE B 134 17.97 28.77 6.78
C ILE B 134 17.10 27.52 6.77
N ASN B 135 16.81 27.04 5.56
CA ASN B 135 16.02 25.84 5.34
C ASN B 135 16.91 24.62 5.13
N PRO B 136 16.44 23.45 5.51
CA PRO B 136 17.21 22.22 5.23
C PRO B 136 17.38 22.05 3.73
N SER B 137 18.62 21.79 3.33
CA SER B 137 19.01 21.76 1.93
C SER B 137 20.44 21.24 1.86
N ARG B 138 20.77 20.57 0.77
CA ARG B 138 22.14 20.12 0.58
C ARG B 138 23.02 21.17 -0.07
N GLN B 139 22.44 22.29 -0.52
CA GLN B 139 23.21 23.42 -1.04
C GLN B 139 23.73 24.31 0.08
N TRP B 140 24.95 24.80 -0.09
CA TRP B 140 25.63 25.61 0.90
C TRP B 140 25.36 27.10 0.67
N GLN B 141 25.37 27.86 1.75
CA GLN B 141 25.37 29.32 1.71
C GLN B 141 26.73 29.80 2.15
N THR B 142 27.37 30.62 1.31
CA THR B 142 28.66 31.18 1.66
C THR B 142 28.47 32.51 2.36
N LEU B 143 29.14 32.67 3.49
CA LEU B 143 29.12 33.92 4.23
C LEU B 143 30.52 34.46 4.33
N GLN B 145 32.94 37.40 6.39
CA GLN B 145 33.20 38.47 7.34
C GLN B 145 34.38 39.29 6.82
N ASN B 146 34.10 40.50 6.33
CA ASN B 146 35.14 41.30 5.69
C ASN B 146 35.15 42.75 6.16
N THR B 147 34.64 43.03 7.36
CA THR B 147 34.63 44.42 7.83
C THR B 147 35.96 44.79 8.50
N GLY B 148 36.55 43.86 9.25
CA GLY B 148 37.77 44.13 9.99
C GLY B 148 39.00 44.12 9.11
N ILE B 149 40.17 43.98 9.75
CA ILE B 149 41.44 43.94 9.02
C ILE B 149 41.71 42.52 8.52
N ALA B 150 41.49 41.53 9.37
CA ALA B 150 41.51 40.15 8.94
C ALA B 150 40.12 39.76 8.47
N HIS B 151 40.05 39.01 7.38
CA HIS B 151 38.78 38.55 6.83
C HIS B 151 38.78 37.04 6.67
N PHE B 152 37.64 36.43 6.97
CA PHE B 152 37.48 35.03 6.70
C PHE B 152 36.16 34.78 5.98
N GLU B 153 36.02 33.56 5.48
CA GLU B 153 34.88 33.15 4.67
C GLU B 153 34.51 31.74 5.08
N TYR B 154 33.21 31.44 5.13
CA TYR B 154 32.77 30.11 5.54
C TYR B 154 31.43 29.80 4.88
N ARG B 155 30.99 28.56 5.02
CA ARG B 155 29.74 28.14 4.41
C ARG B 155 28.95 27.27 5.37
N ILE B 156 27.63 27.28 5.21
CA ILE B 156 26.71 26.62 6.12
C ILE B 156 25.60 25.93 5.33
N ARG B 157 25.00 24.93 5.98
CA ARG B 157 23.78 24.29 5.50
C ARG B 157 23.24 23.43 6.63
N VAL B 158 21.93 23.18 6.58
CA VAL B 158 21.26 22.28 7.50
C VAL B 158 20.81 21.03 6.73
N THR B 159 21.23 19.87 7.20
CA THR B 159 20.93 18.58 6.56
C THR B 159 20.02 17.77 7.47
N CYS B 160 18.89 17.32 6.94
CA CYS B 160 18.09 16.36 7.69
C CYS B 160 18.76 14.99 7.68
N ASP B 161 18.54 14.22 8.74
CA ASP B 161 18.97 12.83 8.72
C ASP B 161 18.03 12.01 7.84
N ASP B 162 18.45 10.80 7.54
CA ASP B 162 17.67 9.91 6.72
C ASP B 162 16.34 9.69 7.41
N HIS B 163 15.29 9.63 6.58
CA HIS B 163 13.87 9.46 6.93
C HIS B 163 13.24 10.73 7.49
N TYR B 164 13.91 11.86 7.34
CA TYR B 164 13.39 13.12 7.86
C TYR B 164 13.31 14.14 6.75
N TYR B 165 12.20 14.89 6.74
CA TYR B 165 11.92 15.81 5.66
C TYR B 165 11.23 17.04 6.23
N GLY B 166 11.09 18.07 5.40
CA GLY B 166 10.41 19.28 5.79
C GLY B 166 11.36 20.34 6.32
N PHE B 167 10.80 21.52 6.55
CA PHE B 167 11.62 22.64 6.99
C PHE B 167 12.20 22.41 8.38
N GLY B 168 11.53 21.63 9.23
CA GLY B 168 12.01 21.31 10.55
C GLY B 168 12.69 19.97 10.70
N CYS B 169 12.96 19.26 9.59
CA CYS B 169 13.45 17.88 9.62
C CYS B 169 12.58 17.01 10.52
N ASN B 170 11.27 17.25 10.44
CA ASN B 170 10.36 16.78 11.47
C ASN B 170 9.38 15.81 10.88
N PHE B 172 8.38 12.59 8.94
CA PHE B 172 8.97 11.27 8.79
C PHE B 172 8.48 10.51 7.56
N CYS B 173 9.38 9.73 6.96
CA CYS B 173 8.98 8.80 5.90
C CYS B 173 10.06 7.73 5.77
N ARG B 174 9.69 6.49 6.10
CA ARG B 174 10.61 5.36 5.99
C ARG B 174 10.03 4.36 4.99
N PRO B 175 10.69 4.17 3.85
CA PRO B 175 10.22 3.18 2.86
C PRO B 175 10.10 1.77 3.44
N ARG B 176 9.11 1.03 2.93
CA ARG B 176 8.94 -0.36 3.33
C ARG B 176 8.34 -1.16 2.19
N ASP B 177 8.50 -2.48 2.30
CA ASP B 177 8.00 -3.45 1.32
C ASP B 177 7.69 -4.74 2.09
N ASP B 178 6.56 -4.72 2.79
CA ASP B 178 6.18 -5.84 3.64
C ASP B 178 4.65 -5.91 3.65
N PHE B 179 4.10 -6.71 4.55
CA PHE B 179 2.66 -6.87 4.59
C PHE B 179 1.95 -5.53 4.77
N PHE B 180 2.54 -4.61 5.52
CA PHE B 180 1.84 -3.41 5.90
C PHE B 180 1.99 -2.28 4.89
N GLY B 181 2.73 -2.48 3.81
CA GLY B 181 2.87 -1.43 2.82
C GLY B 181 3.99 -1.64 1.83
N HIS B 182 3.92 -0.93 0.72
CA HIS B 182 4.86 -1.12 -0.38
C HIS B 182 5.02 0.26 -1.01
N TYR B 183 5.93 1.07 -0.45
CA TYR B 183 6.12 2.42 -0.95
C TYR B 183 7.57 2.83 -0.81
N ALA B 184 7.91 3.91 -1.52
CA ALA B 184 9.15 4.65 -1.32
C ALA B 184 8.78 6.05 -0.81
N CYS B 185 9.80 6.85 -0.52
CA CYS B 185 9.61 8.22 -0.06
C CYS B 185 10.24 9.17 -1.09
N ASP B 186 9.45 10.14 -1.56
CA ASP B 186 9.98 11.13 -2.50
C ASP B 186 10.76 12.22 -1.77
N GLN B 187 11.11 13.28 -2.50
CA GLN B 187 11.93 14.36 -1.94
C GLN B 187 11.27 14.97 -0.71
N ASN B 188 9.96 15.14 -0.76
CA ASN B 188 9.23 15.84 0.28
C ASN B 188 8.72 14.91 1.38
N GLY B 189 9.20 13.67 1.45
CA GLY B 189 8.67 12.74 2.43
C GLY B 189 7.27 12.23 2.16
N ASN B 190 6.71 12.46 0.96
CA ASN B 190 5.43 11.87 0.56
C ASN B 190 5.67 10.43 0.12
N THR B 192 5.28 7.26 -2.21
CA THR B 192 4.99 6.91 -3.60
C THR B 192 4.85 5.40 -3.70
N CYS B 193 3.66 4.94 -4.06
CA CYS B 193 3.38 3.51 -4.01
C CYS B 193 4.32 2.77 -4.96
N MET B 194 4.75 1.58 -4.55
CA MET B 194 5.44 0.73 -5.50
C MET B 194 4.46 0.29 -6.56
N GLU B 195 5.00 0.00 -7.73
CA GLU B 195 4.18 -0.43 -8.84
C GLU B 195 3.40 -1.68 -8.46
N GLY B 196 2.10 -1.66 -8.78
CA GLY B 196 1.20 -2.75 -8.44
C GLY B 196 0.42 -2.54 -7.16
N TRP B 197 0.66 -1.45 -6.43
CA TRP B 197 -0.06 -1.20 -5.19
C TRP B 197 -0.71 0.18 -5.25
N MET B 198 -1.59 0.44 -4.29
CA MET B 198 -2.38 1.67 -4.27
C MET B 198 -2.99 1.83 -2.88
N GLY B 199 -3.67 2.96 -2.68
CA GLY B 199 -4.16 3.33 -1.37
C GLY B 199 -3.16 4.18 -0.61
N PRO B 200 -3.62 4.83 0.46
CA PRO B 200 -2.71 5.73 1.22
C PRO B 200 -1.57 4.99 1.87
N GLU B 201 -1.76 3.74 2.24
CA GLU B 201 -0.71 2.90 2.80
C GLU B 201 -0.02 2.06 1.74
N CYS B 202 -0.42 2.18 0.47
CA CYS B 202 0.15 1.38 -0.61
C CYS B 202 0.13 -0.11 -0.27
N ASN B 203 -0.98 -0.56 0.31
CA ASN B 203 -1.13 -1.94 0.75
C ASN B 203 -2.30 -2.64 0.07
N LYS B 204 -2.91 -2.02 -0.94
CA LYS B 204 -4.07 -2.56 -1.63
C LYS B 204 -3.64 -2.96 -3.04
N ALA B 205 -3.55 -4.27 -3.28
CA ALA B 205 -3.05 -4.79 -4.54
C ALA B 205 -3.89 -4.37 -5.73
N ILE B 206 -3.22 -4.03 -6.81
CA ILE B 206 -3.87 -3.69 -8.08
C ILE B 206 -4.02 -4.99 -8.86
N CYS B 207 -5.26 -5.43 -9.05
CA CYS B 207 -5.49 -6.76 -9.59
C CYS B 207 -5.22 -6.82 -11.09
N ARG B 208 -5.21 -8.05 -11.60
CA ARG B 208 -5.08 -8.30 -13.03
C ARG B 208 -6.06 -7.43 -13.81
N GLN B 209 -5.60 -6.92 -14.95
CA GLN B 209 -6.44 -6.07 -15.76
C GLN B 209 -7.66 -6.85 -16.25
N GLY B 210 -8.84 -6.23 -16.16
CA GLY B 210 -10.08 -6.88 -16.48
C GLY B 210 -10.63 -7.81 -15.43
N CYS B 211 -9.96 -7.93 -14.28
CA CYS B 211 -10.46 -8.78 -13.20
C CYS B 211 -11.85 -8.31 -12.81
N SER B 212 -12.78 -9.24 -12.67
CA SER B 212 -14.15 -8.88 -12.34
C SER B 212 -14.19 -8.09 -11.04
N PRO B 213 -14.75 -6.87 -11.03
CA PRO B 213 -14.90 -6.13 -9.77
C PRO B 213 -15.77 -6.90 -8.76
N HIS B 215 -16.77 -10.27 -8.71
CA HIS B 215 -16.48 -11.65 -8.35
C HIS B 215 -15.01 -11.97 -8.21
N GLY B 216 -14.16 -10.95 -8.33
CA GLY B 216 -12.73 -11.15 -8.28
C GLY B 216 -12.08 -10.25 -7.25
N SER B 217 -11.00 -10.76 -6.66
CA SER B 217 -10.18 -9.97 -5.75
C SER B 217 -8.76 -10.48 -5.83
N CYS B 218 -7.83 -9.72 -5.27
CA CYS B 218 -6.43 -10.11 -5.31
C CYS B 218 -5.78 -9.72 -4.01
N LYS B 219 -4.99 -10.64 -3.45
CA LYS B 219 -4.12 -10.29 -2.33
C LYS B 219 -2.72 -9.88 -2.79
N LEU B 220 -2.41 -10.08 -4.07
CA LEU B 220 -1.11 -9.78 -4.68
C LEU B 220 -1.35 -9.10 -6.01
N PRO B 221 -0.44 -8.21 -6.44
CA PRO B 221 -0.66 -7.50 -7.70
C PRO B 221 -0.72 -8.46 -8.88
N GLY B 222 -1.53 -8.11 -9.88
CA GLY B 222 -1.63 -8.91 -11.08
C GLY B 222 -2.29 -10.27 -10.92
N ASP B 223 -3.12 -10.43 -9.90
CA ASP B 223 -3.79 -11.68 -9.65
C ASP B 223 -5.30 -11.45 -9.66
N CYS B 224 -6.05 -12.56 -9.78
CA CYS B 224 -7.51 -12.47 -9.81
C CYS B 224 -8.05 -13.73 -9.13
N ARG B 225 -8.50 -13.57 -7.88
CA ARG B 225 -9.09 -14.65 -7.10
C ARG B 225 -10.60 -14.56 -7.16
N CYS B 226 -11.24 -15.65 -7.58
CA CYS B 226 -12.68 -15.67 -7.82
C CYS B 226 -13.45 -16.05 -6.57
N GLN B 227 -14.57 -15.39 -6.37
CA GLN B 227 -15.43 -15.84 -5.28
C GLN B 227 -16.01 -17.21 -5.61
N TYR B 228 -16.64 -17.81 -4.60
CA TYR B 228 -17.18 -19.16 -4.72
C TYR B 228 -18.19 -19.21 -5.85
N GLY B 229 -17.99 -20.15 -6.76
CA GLY B 229 -18.86 -20.29 -7.90
C GLY B 229 -18.46 -19.49 -9.13
N TRP B 230 -17.25 -18.96 -9.16
CA TRP B 230 -16.77 -18.22 -10.32
C TRP B 230 -15.37 -18.69 -10.70
N GLN B 231 -15.00 -18.39 -11.93
CA GLN B 231 -13.82 -18.98 -12.55
C GLN B 231 -13.45 -18.16 -13.78
N GLY B 232 -12.36 -18.54 -14.41
CA GLY B 232 -11.83 -17.85 -15.57
C GLY B 232 -10.74 -16.87 -15.18
N LEU B 233 -10.10 -16.32 -16.22
CA LEU B 233 -9.01 -15.37 -16.02
C LEU B 233 -9.50 -14.15 -15.26
N TYR B 234 -10.60 -13.56 -15.71
CA TYR B 234 -11.20 -12.39 -15.09
C TYR B 234 -12.13 -12.72 -13.93
N CYS B 235 -12.29 -13.99 -13.56
CA CYS B 235 -13.30 -14.43 -12.59
C CYS B 235 -14.70 -13.94 -12.98
N ASP B 236 -15.01 -13.92 -14.28
CA ASP B 236 -16.29 -13.42 -14.72
C ASP B 236 -17.15 -14.52 -15.32
N CYS B 238 -19.25 -18.04 -14.60
CA CYS B 238 -19.87 -18.90 -13.59
C CYS B 238 -19.40 -20.32 -13.74
N ILE B 239 -19.43 -21.08 -12.66
CA ILE B 239 -19.06 -22.49 -12.67
C ILE B 239 -20.35 -23.30 -12.70
N PRO B 240 -20.60 -24.10 -13.74
CA PRO B 240 -21.79 -24.94 -13.76
C PRO B 240 -21.77 -25.98 -12.66
N HIS B 241 -22.94 -26.50 -12.36
CA HIS B 241 -23.09 -27.53 -11.34
C HIS B 241 -22.08 -28.65 -11.57
N PRO B 242 -21.45 -29.19 -10.53
CA PRO B 242 -20.52 -30.31 -10.72
C PRO B 242 -21.25 -31.53 -11.27
N GLY B 243 -20.67 -32.15 -12.30
CA GLY B 243 -21.33 -33.20 -13.03
C GLY B 243 -22.12 -32.74 -14.24
N CYS B 244 -22.25 -31.43 -14.44
CA CYS B 244 -22.88 -30.88 -15.64
C CYS B 244 -21.96 -31.08 -16.83
N VAL B 245 -22.39 -31.91 -17.78
CA VAL B 245 -21.50 -32.28 -18.89
C VAL B 245 -21.77 -31.39 -20.11
N HIS B 246 -22.99 -31.42 -20.63
CA HIS B 246 -23.37 -30.68 -21.83
C HIS B 246 -24.27 -29.50 -21.50
N GLY B 247 -23.97 -28.79 -20.42
CA GLY B 247 -24.73 -27.62 -20.05
C GLY B 247 -23.81 -26.45 -19.77
N THR B 248 -24.41 -25.26 -19.71
CA THR B 248 -23.73 -24.01 -19.39
C THR B 248 -24.48 -23.33 -18.26
N CYS B 249 -23.97 -22.17 -17.84
CA CYS B 249 -24.62 -21.43 -16.77
C CYS B 249 -24.60 -19.94 -17.08
N ASN B 250 -25.52 -19.20 -16.44
CA ASN B 250 -25.41 -17.76 -16.31
C ASN B 250 -25.17 -17.32 -14.86
N GLU B 251 -25.44 -18.18 -13.90
CA GLU B 251 -25.11 -18.02 -12.49
C GLU B 251 -24.49 -19.32 -12.01
N PRO B 252 -23.69 -19.28 -10.93
CA PRO B 252 -23.01 -20.49 -10.49
C PRO B 252 -23.96 -21.65 -10.21
N TRP B 253 -23.45 -22.87 -10.36
CA TRP B 253 -24.13 -24.13 -10.06
C TRP B 253 -25.36 -24.38 -10.93
N GLN B 254 -25.57 -23.57 -11.97
CA GLN B 254 -26.61 -23.88 -12.94
C GLN B 254 -26.13 -24.95 -13.90
N CYS B 255 -27.08 -25.57 -14.61
CA CYS B 255 -26.75 -26.55 -15.64
C CYS B 255 -27.83 -26.43 -16.71
N LEU B 256 -27.53 -25.66 -17.75
CA LEU B 256 -28.49 -25.36 -18.81
C LEU B 256 -28.04 -26.09 -20.07
N CYS B 257 -28.80 -27.11 -20.44
CA CYS B 257 -28.37 -28.07 -21.46
C CYS B 257 -28.22 -27.43 -22.82
N GLU B 258 -27.19 -27.88 -23.55
CA GLU B 258 -27.02 -27.53 -24.94
C GLU B 258 -28.10 -28.20 -25.79
N THR B 259 -28.01 -28.00 -27.10
CA THR B 259 -29.04 -28.52 -27.99
C THR B 259 -29.08 -30.04 -27.96
N ASN B 260 -30.30 -30.57 -27.83
CA ASN B 260 -30.56 -32.01 -27.87
C ASN B 260 -29.91 -32.76 -26.72
N TRP B 261 -29.78 -32.09 -25.56
CA TRP B 261 -29.30 -32.72 -24.35
C TRP B 261 -30.26 -32.44 -23.21
N GLY B 262 -30.47 -33.46 -22.37
CA GLY B 262 -31.46 -33.38 -21.31
C GLY B 262 -30.95 -34.00 -20.03
N GLY B 263 -31.80 -33.96 -19.02
CA GLY B 263 -31.40 -34.34 -17.67
C GLY B 263 -30.83 -33.17 -16.90
N GLN B 264 -30.97 -33.22 -15.58
CA GLN B 264 -30.48 -32.14 -14.73
C GLN B 264 -28.99 -31.90 -14.94
N LEU B 265 -28.25 -32.95 -15.30
CA LEU B 265 -26.83 -32.87 -15.61
C LEU B 265 -26.55 -32.75 -17.10
N CYS B 266 -27.59 -32.70 -17.93
CA CYS B 266 -27.43 -32.61 -19.39
C CYS B 266 -26.55 -33.73 -19.94
N ASP B 267 -26.73 -34.93 -19.40
CA ASP B 267 -25.95 -36.10 -19.83
C ASP B 267 -26.82 -37.13 -20.56
N ASP B 269 -28.75 -37.97 -23.96
CA ASP B 269 -28.96 -37.65 -25.37
C ASP B 269 -30.45 -37.70 -25.73
N LEU B 270 -30.98 -36.55 -26.18
CA LEU B 270 -32.36 -36.47 -26.60
C LEU B 270 -32.53 -36.84 -28.07
N ASN B 271 -31.43 -36.95 -28.79
CA ASN B 271 -31.45 -37.35 -30.18
C ASN B 271 -30.45 -38.50 -30.39
N TYR B 272 -30.68 -39.60 -29.67
CA TYR B 272 -29.84 -40.77 -29.84
C TYR B 272 -29.91 -41.29 -31.27
N CYS B 273 -31.05 -41.08 -31.95
CA CYS B 273 -31.20 -41.52 -33.33
C CYS B 273 -30.21 -40.82 -34.25
N GLY B 274 -30.26 -39.49 -34.29
CA GLY B 274 -29.35 -38.75 -35.13
C GLY B 274 -27.90 -38.86 -34.72
N THR B 275 -27.64 -39.27 -33.48
CA THR B 275 -26.28 -39.33 -32.98
C THR B 275 -25.59 -40.64 -33.36
N HIS B 276 -26.31 -41.75 -33.29
CA HIS B 276 -25.69 -43.06 -33.46
C HIS B 276 -26.15 -43.84 -34.69
N GLN B 277 -27.18 -43.40 -35.40
CA GLN B 277 -27.74 -44.13 -36.54
C GLN B 277 -27.99 -45.60 -36.20
N PRO B 278 -28.69 -45.90 -35.11
CA PRO B 278 -28.73 -47.28 -34.63
C PRO B 278 -29.53 -48.23 -35.51
N CYS B 279 -30.54 -47.74 -36.21
CA CYS B 279 -31.37 -48.62 -37.04
C CYS B 279 -30.64 -49.00 -38.31
N LEU B 280 -30.91 -50.23 -38.77
CA LEU B 280 -30.30 -50.74 -39.98
C LEU B 280 -31.38 -51.07 -41.01
N ASN B 281 -30.92 -51.37 -42.23
CA ASN B 281 -31.78 -51.84 -43.31
C ASN B 281 -32.88 -50.82 -43.60
N ARG B 282 -32.51 -49.54 -43.55
CA ARG B 282 -33.40 -48.42 -43.80
C ARG B 282 -34.47 -48.27 -42.72
N GLY B 283 -34.30 -48.94 -41.57
CA GLY B 283 -35.22 -48.73 -40.46
C GLY B 283 -35.17 -47.31 -39.96
N THR B 284 -36.33 -46.82 -39.50
CA THR B 284 -36.50 -45.43 -39.12
C THR B 284 -36.50 -45.28 -37.60
N CYS B 285 -35.73 -44.33 -37.12
CA CYS B 285 -35.45 -44.24 -35.70
C CYS B 285 -36.39 -43.25 -35.02
N SER B 286 -36.55 -43.43 -33.70
CA SER B 286 -37.43 -42.61 -32.91
C SER B 286 -36.79 -42.41 -31.55
N ASN B 287 -36.65 -41.15 -31.12
CA ASN B 287 -36.05 -40.83 -29.82
C ASN B 287 -37.11 -41.06 -28.74
N THR B 288 -37.27 -42.33 -28.38
CA THR B 288 -38.38 -42.71 -27.50
C THR B 288 -38.13 -42.28 -26.07
N GLY B 289 -36.89 -42.38 -25.62
CA GLY B 289 -36.51 -41.95 -24.30
C GLY B 289 -35.14 -41.31 -24.33
N PRO B 290 -34.81 -40.52 -23.30
CA PRO B 290 -33.45 -40.00 -23.19
C PRO B 290 -32.47 -41.14 -23.08
N ASP B 291 -31.42 -41.10 -23.90
CA ASP B 291 -30.48 -42.20 -24.05
C ASP B 291 -31.15 -43.49 -24.54
N LYS B 292 -32.32 -43.38 -25.17
CA LYS B 292 -33.06 -44.56 -25.61
C LYS B 292 -33.68 -44.31 -26.98
N TYR B 293 -33.90 -45.41 -27.71
CA TYR B 293 -34.40 -45.31 -29.07
C TYR B 293 -35.24 -46.53 -29.37
N GLN B 294 -36.01 -46.43 -30.44
CA GLN B 294 -36.83 -47.54 -30.92
C GLN B 294 -36.95 -47.40 -32.42
N CYS B 295 -36.67 -48.48 -33.14
CA CYS B 295 -36.68 -48.48 -34.60
C CYS B 295 -37.99 -49.04 -35.13
N SER B 296 -38.53 -48.39 -36.17
CA SER B 296 -39.64 -48.93 -36.95
C SER B 296 -39.07 -49.54 -38.21
N CYS B 297 -39.21 -50.86 -38.35
CA CYS B 297 -38.50 -51.59 -39.37
C CYS B 297 -39.35 -51.74 -40.63
N PRO B 298 -38.71 -51.84 -41.78
CA PRO B 298 -39.45 -52.21 -43.00
C PRO B 298 -39.91 -53.66 -42.94
N GLU B 299 -40.89 -53.97 -43.78
CA GLU B 299 -41.49 -55.31 -43.78
C GLU B 299 -40.45 -56.38 -44.07
N GLY B 300 -40.54 -57.49 -43.34
CA GLY B 300 -39.57 -58.56 -43.41
C GLY B 300 -38.36 -58.39 -42.52
N TYR B 301 -38.28 -57.31 -41.74
CA TYR B 301 -37.18 -57.04 -40.84
C TYR B 301 -37.69 -56.92 -39.42
N SER B 302 -36.96 -57.52 -38.48
CA SER B 302 -37.36 -57.52 -37.08
C SER B 302 -36.17 -57.14 -36.22
N GLY B 303 -36.43 -56.97 -34.92
CA GLY B 303 -35.38 -56.65 -33.98
C GLY B 303 -35.29 -55.16 -33.71
N PRO B 304 -34.63 -54.79 -32.62
CA PRO B 304 -34.48 -53.36 -32.31
C PRO B 304 -33.69 -52.59 -33.35
N ASN B 305 -32.84 -53.26 -34.13
CA ASN B 305 -32.05 -52.61 -35.16
C ASN B 305 -32.44 -53.06 -36.57
N CYS B 306 -33.54 -53.81 -36.71
CA CYS B 306 -34.12 -54.17 -38.00
C CYS B 306 -33.22 -55.11 -38.80
N GLU B 307 -32.86 -56.24 -38.20
CA GLU B 307 -32.02 -57.25 -38.85
C GLU B 307 -32.89 -58.47 -39.15
N ALA B 308 -33.48 -58.45 -40.35
CA ALA B 308 -34.30 -59.55 -40.88
C ALA B 308 -35.40 -59.98 -39.92
#